data_7HNY
#
_entry.id   7HNY
#
_cell.length_a   95.342
_cell.length_b   95.342
_cell.length_c   45.720
_cell.angle_alpha   90.000
_cell.angle_beta   90.000
_cell.angle_gamma   90.000
#
_symmetry.space_group_name_H-M   'I 4'
#
loop_
_entity.id
_entity.type
_entity.pdbx_description
1 polymer 'E3 ubiquitin-protein ligase TRIM21'
2 non-polymer 1,2-ETHANEDIOL
3 non-polymer "N-phenyl-N'-pyridin-3-ylurea"
4 non-polymer 'SULFATE ION'
5 water water
#
_entity_poly.entity_id   1
_entity_poly.type   'polypeptide(L)'
_entity_poly.pdbx_seq_one_letter_code
;MHHHHHHMVHITLDRNTANSWLIISKDRRQVRMGDTHQNVSDNKERFSNYPMVLGAQRFSSGKMYWEVDVTQKEAWDLGV
CRDSVQRKGQFSLSPENGFWTIWLWQDSYEAGTSPQTTLHIQVPPCQIGIFVDYEAGVVSFYNITDHGSLIYTFSECVFA
GPLRPFFNVGFNYSGGNAAPLKLCPLKM
;
_entity_poly.pdbx_strand_id   B
#
loop_
_chem_comp.id
_chem_comp.type
_chem_comp.name
_chem_comp.formula
EDO non-polymer 1,2-ETHANEDIOL 'C2 H6 O2'
K0G non-polymer N-phenyl-N'-pyridin-3-ylurea 'C12 H11 N3 O'
SO4 non-polymer 'SULFATE ION' 'O4 S -2'
#
# COMPACT_ATOMS: atom_id res chain seq x y z
N HIS A 2 10.38 16.77 4.55
CA HIS A 2 11.27 15.94 3.66
C HIS A 2 11.42 16.61 2.29
N HIS A 3 12.46 16.21 1.55
CA HIS A 3 12.83 16.72 0.20
C HIS A 3 12.95 15.56 -0.81
N HIS A 4 12.01 14.58 -0.75
CA HIS A 4 11.96 13.34 -1.58
C HIS A 4 11.04 13.51 -2.79
N HIS A 5 10.26 14.60 -2.82
CA HIS A 5 9.22 14.87 -3.85
C HIS A 5 9.78 14.72 -5.27
N HIS A 6 11.05 15.08 -5.52
CA HIS A 6 11.66 15.07 -6.87
C HIS A 6 11.92 13.65 -7.39
N HIS A 7 11.80 12.61 -6.56
CA HIS A 7 11.85 11.18 -6.99
C HIS A 7 10.46 10.68 -7.34
N MET A 8 9.50 11.57 -7.50
CA MET A 8 8.09 11.20 -7.81
C MET A 8 8.01 10.25 -9.01
N VAL A 9 7.24 9.19 -8.90
CA VAL A 9 6.98 8.22 -9.99
C VAL A 9 5.46 8.13 -10.18
N HIS A 10 5.04 7.86 -11.41
CA HIS A 10 3.60 7.80 -11.74
C HIS A 10 3.17 6.33 -11.60
N ILE A 11 2.48 6.01 -10.51
CA ILE A 11 2.06 4.61 -10.26
C ILE A 11 0.68 4.35 -10.89
N THR A 12 0.50 3.17 -11.45
CA THR A 12 -0.83 2.73 -11.94
C THR A 12 -1.11 1.35 -11.35
N LEU A 13 -2.39 1.04 -11.13
CA LEU A 13 -2.78 -0.24 -10.52
C LEU A 13 -2.84 -1.36 -11.56
N ASP A 14 -2.46 -2.54 -11.20
CA ASP A 14 -2.47 -3.72 -12.09
C ASP A 14 -3.75 -4.53 -11.77
N ARG A 15 -4.76 -4.35 -12.62
N ARG A 15 -4.79 -4.38 -12.60
CA ARG A 15 -6.09 -5.04 -12.56
CA ARG A 15 -6.10 -5.05 -12.41
C ARG A 15 -5.93 -6.55 -12.36
C ARG A 15 -5.93 -6.57 -12.32
N ASN A 16 -4.93 -7.16 -12.98
CA ASN A 16 -4.78 -8.63 -12.96
C ASN A 16 -4.43 -9.17 -11.58
N THR A 17 -3.87 -8.31 -10.70
CA THR A 17 -3.47 -8.68 -9.34
C THR A 17 -4.62 -8.44 -8.35
N ALA A 18 -5.64 -7.70 -8.76
CA ALA A 18 -6.67 -7.22 -7.81
C ALA A 18 -7.55 -8.37 -7.28
N ASN A 19 -7.90 -8.35 -6.02
CA ASN A 19 -9.03 -9.14 -5.52
C ASN A 19 -10.23 -8.87 -6.43
N SER A 20 -11.01 -9.91 -6.64
CA SER A 20 -12.13 -9.91 -7.59
C SER A 20 -13.28 -8.99 -7.17
N TRP A 21 -13.31 -8.43 -5.98
CA TRP A 21 -14.34 -7.49 -5.54
C TRP A 21 -13.92 -6.02 -5.74
N LEU A 22 -12.67 -5.80 -6.18
CA LEU A 22 -12.18 -4.41 -6.32
C LEU A 22 -12.68 -3.81 -7.65
N ILE A 23 -12.90 -2.52 -7.59
CA ILE A 23 -13.26 -1.65 -8.74
C ILE A 23 -12.14 -0.62 -8.91
N ILE A 24 -11.43 -0.75 -10.01
CA ILE A 24 -10.30 0.14 -10.38
C ILE A 24 -10.77 1.10 -11.46
N SER A 25 -10.48 2.37 -11.30
CA SER A 25 -10.92 3.40 -12.26
C SER A 25 -10.25 3.19 -13.61
N LYS A 26 -10.86 3.77 -14.65
CA LYS A 26 -10.34 3.72 -16.04
C LYS A 26 -8.85 4.14 -16.10
N ASP A 27 -8.50 5.20 -15.38
CA ASP A 27 -7.11 5.74 -15.40
C ASP A 27 -6.16 4.87 -14.54
N ARG A 28 -6.68 3.84 -13.88
CA ARG A 28 -5.87 2.91 -13.06
C ARG A 28 -5.22 3.69 -11.90
N ARG A 29 -5.80 4.75 -11.43
CA ARG A 29 -5.25 5.56 -10.33
C ARG A 29 -6.11 5.53 -9.07
N GLN A 30 -7.29 4.92 -9.08
CA GLN A 30 -8.19 4.82 -7.93
C GLN A 30 -8.74 3.41 -7.78
N VAL A 31 -8.95 2.98 -6.56
CA VAL A 31 -9.51 1.63 -6.29
C VAL A 31 -10.42 1.71 -5.08
N ARG A 32 -11.55 1.01 -5.15
CA ARG A 32 -12.45 0.88 -4.00
C ARG A 32 -13.02 -0.55 -3.98
N MET A 33 -13.54 -0.91 -2.81
N MET A 33 -13.48 -1.00 -2.82
CA MET A 33 -14.24 -2.18 -2.52
CA MET A 33 -14.06 -2.37 -2.69
C MET A 33 -15.63 -2.12 -3.14
C MET A 33 -15.56 -2.28 -3.01
N GLY A 34 -15.94 -3.06 -4.03
CA GLY A 34 -17.31 -3.23 -4.50
C GLY A 34 -18.17 -3.97 -3.50
N ASP A 35 -19.49 -3.94 -3.74
CA ASP A 35 -20.44 -4.58 -2.78
C ASP A 35 -20.66 -6.04 -3.22
N THR A 36 -19.95 -6.51 -4.24
CA THR A 36 -20.11 -7.89 -4.82
C THR A 36 -18.88 -8.26 -5.68
N HIS A 37 -18.77 -9.49 -6.15
CA HIS A 37 -17.78 -9.93 -7.16
C HIS A 37 -17.92 -9.09 -8.42
N GLN A 38 -16.79 -8.63 -8.99
CA GLN A 38 -16.85 -7.68 -10.12
C GLN A 38 -16.81 -8.40 -11.49
N ASN A 39 -17.09 -9.70 -11.54
CA ASN A 39 -17.36 -10.41 -12.83
C ASN A 39 -16.11 -10.54 -13.68
N VAL A 40 -14.98 -10.77 -13.02
CA VAL A 40 -13.67 -11.06 -13.68
C VAL A 40 -13.35 -12.56 -13.51
N SER A 41 -12.58 -13.15 -14.42
CA SER A 41 -12.05 -14.51 -14.24
C SER A 41 -11.02 -14.55 -13.11
N ASP A 42 -10.85 -15.69 -12.48
CA ASP A 42 -9.81 -15.94 -11.46
C ASP A 42 -8.51 -16.18 -12.21
N ASN A 43 -7.41 -15.95 -11.49
CA ASN A 43 -6.04 -16.22 -11.98
C ASN A 43 -5.12 -16.36 -10.77
N LYS A 44 -3.90 -16.82 -11.00
CA LYS A 44 -2.97 -17.17 -9.91
C LYS A 44 -2.40 -15.88 -9.27
N GLU A 45 -2.49 -14.75 -9.94
CA GLU A 45 -1.98 -13.44 -9.41
C GLU A 45 -2.94 -12.80 -8.40
N ARG A 46 -4.25 -13.06 -8.45
CA ARG A 46 -5.19 -12.26 -7.64
C ARG A 46 -5.05 -12.56 -6.17
N PHE A 47 -5.02 -11.52 -5.34
CA PHE A 47 -5.13 -11.71 -3.90
C PHE A 47 -6.53 -12.28 -3.59
N SER A 48 -6.63 -13.45 -2.96
CA SER A 48 -7.94 -14.13 -2.76
C SER A 48 -8.59 -13.72 -1.46
N ASN A 49 -7.89 -13.53 -0.37
CA ASN A 49 -8.49 -13.46 0.99
C ASN A 49 -8.77 -12.03 1.41
N TYR A 50 -8.09 -11.05 0.81
CA TYR A 50 -8.15 -9.65 1.29
C TYR A 50 -8.32 -8.71 0.10
N PRO A 51 -8.83 -7.49 0.32
CA PRO A 51 -9.06 -6.52 -0.76
C PRO A 51 -7.81 -5.77 -1.22
N MET A 52 -6.83 -6.56 -1.69
CA MET A 52 -5.47 -6.09 -2.04
C MET A 52 -5.28 -6.02 -3.56
N VAL A 53 -4.34 -5.15 -3.97
CA VAL A 53 -3.94 -4.98 -5.39
C VAL A 53 -2.50 -4.44 -5.41
N LEU A 54 -1.77 -4.73 -6.47
CA LEU A 54 -0.40 -4.20 -6.66
C LEU A 54 -0.38 -3.10 -7.69
N GLY A 55 0.59 -2.20 -7.58
CA GLY A 55 0.97 -1.36 -8.73
C GLY A 55 1.62 -2.17 -9.86
N ALA A 56 1.53 -1.68 -11.07
CA ALA A 56 2.11 -2.33 -12.26
C ALA A 56 3.64 -2.18 -12.25
N GLN A 57 4.11 -1.09 -11.67
CA GLN A 57 5.56 -0.75 -11.77
C GLN A 57 6.35 -1.74 -10.91
N ARG A 58 7.54 -2.15 -11.38
CA ARG A 58 8.51 -2.94 -10.62
C ARG A 58 9.77 -2.13 -10.43
N PHE A 59 10.28 -2.12 -9.22
CA PHE A 59 11.49 -1.33 -8.88
C PHE A 59 12.59 -2.26 -8.38
N SER A 60 13.80 -2.14 -8.94
N SER A 60 13.80 -2.15 -8.97
CA SER A 60 14.97 -2.98 -8.57
CA SER A 60 14.99 -2.96 -8.57
C SER A 60 16.20 -2.13 -8.25
C SER A 60 16.21 -2.09 -8.38
N SER A 61 16.10 -0.80 -8.39
N SER A 61 16.04 -0.77 -8.25
CA SER A 61 17.19 0.15 -8.09
CA SER A 61 17.18 0.17 -8.09
C SER A 61 16.61 1.53 -7.78
C SER A 61 16.64 1.58 -7.90
N GLY A 62 17.44 2.45 -7.27
CA GLY A 62 17.10 3.88 -7.24
C GLY A 62 16.16 4.27 -6.11
N LYS A 63 15.71 5.50 -6.24
CA LYS A 63 14.87 6.19 -5.25
C LYS A 63 13.54 6.49 -5.95
N MET A 64 12.44 6.17 -5.27
CA MET A 64 11.06 6.31 -5.78
C MET A 64 10.19 6.94 -4.68
N TYR A 65 9.23 7.76 -5.10
CA TYR A 65 8.31 8.45 -4.16
C TYR A 65 6.94 8.52 -4.82
N TRP A 66 5.91 8.21 -4.05
CA TRP A 66 4.52 8.47 -4.51
C TRP A 66 3.63 8.82 -3.30
N GLU A 67 2.42 9.29 -3.59
CA GLU A 67 1.45 9.72 -2.55
C GLU A 67 0.09 9.07 -2.78
N VAL A 68 -0.54 8.71 -1.68
CA VAL A 68 -1.85 8.05 -1.70
C VAL A 68 -2.82 8.82 -0.80
N ASP A 69 -4.04 9.05 -1.31
CA ASP A 69 -5.14 9.70 -0.58
C ASP A 69 -5.96 8.63 0.12
N VAL A 70 -6.12 8.79 1.43
CA VAL A 70 -6.85 7.86 2.35
C VAL A 70 -8.07 8.54 3.02
N THR A 71 -8.50 9.68 2.48
CA THR A 71 -9.56 10.50 3.11
C THR A 71 -10.77 9.62 3.46
N GLN A 72 -11.22 9.77 4.70
CA GLN A 72 -12.44 9.21 5.36
C GLN A 72 -12.40 7.69 5.48
N LYS A 73 -11.32 7.01 5.12
CA LYS A 73 -11.27 5.55 5.35
C LYS A 73 -11.06 5.20 6.82
N GLU A 74 -11.65 4.12 7.26
CA GLU A 74 -11.50 3.54 8.61
C GLU A 74 -10.39 2.49 8.68
N ALA A 75 -10.04 1.88 7.53
CA ALA A 75 -9.07 0.78 7.52
C ALA A 75 -8.42 0.68 6.14
N TRP A 76 -7.10 0.44 6.14
CA TRP A 76 -6.30 0.30 4.89
C TRP A 76 -4.90 -0.17 5.27
N ASP A 77 -4.22 -0.74 4.29
CA ASP A 77 -2.76 -1.05 4.39
C ASP A 77 -2.10 -0.34 3.20
N LEU A 78 -0.88 0.19 3.33
CA LEU A 78 -0.10 0.79 2.23
C LEU A 78 1.37 0.47 2.40
N GLY A 79 2.04 0.31 1.28
CA GLY A 79 3.51 0.27 1.27
C GLY A 79 4.03 -0.33 -0.01
N VAL A 80 5.04 -1.19 0.13
N VAL A 80 4.96 -1.28 0.13
CA VAL A 80 5.61 -1.99 -0.99
CA VAL A 80 5.64 -1.90 -1.03
C VAL A 80 5.71 -3.45 -0.60
C VAL A 80 5.89 -3.36 -0.64
N CYS A 81 5.89 -4.29 -1.60
CA CYS A 81 6.12 -5.69 -1.33
C CYS A 81 6.97 -6.31 -2.44
N ARG A 82 7.55 -7.45 -2.14
N ARG A 82 7.57 -7.44 -2.14
CA ARG A 82 8.22 -8.26 -3.18
CA ARG A 82 8.31 -8.24 -3.16
C ARG A 82 7.23 -8.62 -4.29
C ARG A 82 7.32 -8.74 -4.23
N ASP A 83 7.74 -8.75 -5.50
CA ASP A 83 6.88 -9.23 -6.61
C ASP A 83 6.41 -10.64 -6.30
N SER A 84 7.15 -11.46 -5.55
CA SER A 84 6.80 -12.89 -5.36
C SER A 84 6.02 -13.17 -4.07
N VAL A 85 5.44 -12.15 -3.43
CA VAL A 85 4.60 -12.42 -2.23
C VAL A 85 3.47 -13.41 -2.57
N GLN A 86 3.15 -14.18 -1.55
CA GLN A 86 1.96 -15.08 -1.53
C GLN A 86 0.70 -14.28 -1.90
N ARG A 87 -0.17 -14.88 -2.72
CA ARG A 87 -1.43 -14.25 -3.20
C ARG A 87 -2.62 -14.95 -2.57
N LYS A 88 -2.52 -16.26 -2.30
CA LYS A 88 -3.69 -17.07 -1.90
C LYS A 88 -3.64 -17.45 -0.44
N GLY A 89 -4.78 -17.49 0.24
CA GLY A 89 -4.83 -17.90 1.64
C GLY A 89 -4.51 -16.80 2.61
N GLN A 90 -4.31 -17.19 3.87
CA GLN A 90 -4.07 -16.26 4.98
C GLN A 90 -2.58 -16.04 5.16
N PHE A 91 -2.20 -14.80 5.47
CA PHE A 91 -0.80 -14.42 5.74
C PHE A 91 -0.78 -13.11 6.50
N SER A 92 0.30 -12.88 7.23
N SER A 92 0.34 -12.90 7.20
CA SER A 92 0.53 -11.59 7.95
CA SER A 92 0.64 -11.65 7.95
C SER A 92 1.44 -10.70 7.11
C SER A 92 1.42 -10.70 7.04
N LEU A 93 1.21 -9.40 7.22
CA LEU A 93 2.05 -8.39 6.57
C LEU A 93 3.29 -8.20 7.42
N SER A 94 4.44 -8.68 6.97
CA SER A 94 5.72 -8.61 7.71
C SER A 94 6.84 -8.58 6.69
N PRO A 95 8.01 -8.09 7.07
CA PRO A 95 9.16 -8.15 6.18
C PRO A 95 9.58 -9.61 5.94
N GLU A 96 9.37 -10.53 6.88
CA GLU A 96 9.67 -11.97 6.66
C GLU A 96 8.84 -12.50 5.49
N ASN A 97 7.60 -12.01 5.32
CA ASN A 97 6.72 -12.46 4.22
C ASN A 97 6.86 -11.55 2.99
N GLY A 98 7.77 -10.58 2.97
CA GLY A 98 8.00 -9.74 1.80
C GLY A 98 7.18 -8.47 1.71
N PHE A 99 6.76 -7.93 2.86
CA PHE A 99 5.93 -6.67 2.90
C PHE A 99 6.57 -5.61 3.80
N TRP A 100 6.57 -4.37 3.34
CA TRP A 100 7.01 -3.19 4.12
C TRP A 100 5.86 -2.19 4.10
N THR A 101 5.05 -2.22 5.15
CA THR A 101 3.70 -1.58 5.12
C THR A 101 3.42 -0.88 6.47
N ILE A 102 2.48 0.05 6.39
CA ILE A 102 1.78 0.61 7.58
C ILE A 102 0.28 0.43 7.36
N TRP A 103 -0.48 0.58 8.42
CA TRP A 103 -1.94 0.44 8.30
C TRP A 103 -2.65 1.25 9.35
N LEU A 104 -3.94 1.50 9.03
CA LEU A 104 -4.95 2.01 9.97
C LEU A 104 -5.94 0.89 10.25
N TRP A 105 -6.28 0.68 11.53
CA TRP A 105 -7.25 -0.35 11.95
C TRP A 105 -7.77 0.04 13.32
N GLN A 106 -9.12 0.16 13.42
CA GLN A 106 -9.75 0.45 14.75
C GLN A 106 -9.12 1.65 15.41
N ASP A 107 -9.01 2.74 14.70
CA ASP A 107 -8.62 4.05 15.24
C ASP A 107 -7.15 4.05 15.72
N SER A 108 -6.34 3.05 15.35
CA SER A 108 -4.87 3.13 15.61
C SER A 108 -4.07 2.84 14.35
N TYR A 109 -2.91 3.48 14.28
CA TYR A 109 -1.95 3.28 13.17
C TYR A 109 -0.81 2.40 13.63
N GLU A 110 -0.41 1.43 12.82
N GLU A 110 -0.44 1.41 12.82
CA GLU A 110 0.68 0.48 13.18
CA GLU A 110 0.66 0.46 13.13
C GLU A 110 1.56 0.19 11.96
C GLU A 110 1.60 0.37 11.93
N ALA A 111 2.85 0.02 12.20
CA ALA A 111 3.78 -0.48 11.18
C ALA A 111 3.76 -1.99 11.18
N GLY A 112 3.76 -2.60 9.97
CA GLY A 112 3.77 -4.05 9.72
C GLY A 112 5.09 -4.72 9.99
N THR A 113 5.68 -4.52 11.15
CA THR A 113 6.78 -5.36 11.65
C THR A 113 6.23 -6.64 12.29
N SER A 114 7.10 -7.56 12.73
CA SER A 114 6.62 -8.78 13.42
C SER A 114 7.33 -8.87 14.79
N PRO A 115 6.61 -8.58 15.88
CA PRO A 115 5.21 -8.16 15.84
C PRO A 115 5.06 -6.66 15.50
N GLN A 116 3.82 -6.23 15.27
CA GLN A 116 3.51 -4.87 14.76
C GLN A 116 3.93 -3.79 15.76
N THR A 117 4.25 -2.63 15.24
CA THR A 117 4.75 -1.47 16.02
C THR A 117 3.70 -0.37 16.05
N THR A 118 3.41 0.17 17.23
CA THR A 118 2.53 1.33 17.40
C THR A 118 3.10 2.59 16.77
N LEU A 119 2.32 3.32 15.99
CA LEU A 119 2.74 4.59 15.38
C LEU A 119 2.15 5.71 16.25
N HIS A 120 2.78 6.86 16.24
CA HIS A 120 2.37 8.02 17.07
C HIS A 120 2.00 9.14 16.11
N ILE A 121 0.75 9.28 15.79
CA ILE A 121 0.26 10.27 14.79
C ILE A 121 -0.73 11.21 15.52
N GLN A 122 -0.41 12.49 15.60
CA GLN A 122 -1.24 13.52 16.29
C GLN A 122 -2.29 14.05 15.30
N VAL A 123 -1.95 14.09 14.02
CA VAL A 123 -2.83 14.65 12.94
C VAL A 123 -3.23 13.53 11.99
N PRO A 124 -4.42 12.90 12.10
CA PRO A 124 -4.78 11.78 11.23
C PRO A 124 -4.53 12.18 9.79
N PRO A 125 -3.72 11.42 9.03
CA PRO A 125 -3.43 11.78 7.65
C PRO A 125 -4.59 11.59 6.68
N CYS A 126 -4.73 12.53 5.77
CA CYS A 126 -5.61 12.36 4.58
C CYS A 126 -4.81 11.92 3.35
N GLN A 127 -3.49 12.20 3.32
N GLN A 127 -3.49 12.12 3.43
CA GLN A 127 -2.59 11.68 2.25
CA GLN A 127 -2.55 11.73 2.35
C GLN A 127 -1.26 11.25 2.87
C GLN A 127 -1.28 11.17 2.99
N ILE A 128 -0.74 10.12 2.38
CA ILE A 128 0.47 9.43 2.87
C ILE A 128 1.47 9.53 1.72
N GLY A 129 2.71 9.89 2.04
CA GLY A 129 3.83 9.78 1.11
C GLY A 129 4.70 8.58 1.43
N ILE A 130 5.07 7.84 0.37
CA ILE A 130 5.89 6.58 0.48
C ILE A 130 7.17 6.79 -0.32
N PHE A 131 8.29 6.60 0.37
CA PHE A 131 9.65 6.77 -0.18
C PHE A 131 10.39 5.45 -0.07
N VAL A 132 10.93 4.98 -1.21
CA VAL A 132 11.77 3.76 -1.27
C VAL A 132 13.17 4.13 -1.77
N ASP A 133 14.19 3.75 -1.01
CA ASP A 133 15.61 3.83 -1.49
C ASP A 133 16.07 2.39 -1.58
N TYR A 134 16.12 1.85 -2.82
CA TYR A 134 16.43 0.43 -3.02
C TYR A 134 17.83 0.08 -2.48
N GLU A 135 18.80 0.87 -2.90
CA GLU A 135 20.22 0.56 -2.55
C GLU A 135 20.42 0.65 -1.05
N ALA A 136 19.85 1.66 -0.41
CA ALA A 136 20.00 1.89 1.03
C ALA A 136 19.20 0.88 1.86
N GLY A 137 18.22 0.16 1.29
CA GLY A 137 17.33 -0.72 2.04
C GLY A 137 16.41 0.08 2.99
N VAL A 138 15.74 1.10 2.47
CA VAL A 138 14.87 2.00 3.29
C VAL A 138 13.49 2.12 2.65
N VAL A 139 12.47 2.03 3.51
CA VAL A 139 11.08 2.41 3.13
C VAL A 139 10.58 3.39 4.22
N SER A 140 10.20 4.59 3.81
CA SER A 140 9.72 5.61 4.76
C SER A 140 8.34 6.09 4.36
N PHE A 141 7.60 6.49 5.39
CA PHE A 141 6.21 6.94 5.27
C PHE A 141 6.12 8.33 5.87
N TYR A 142 5.39 9.21 5.20
CA TYR A 142 5.28 10.65 5.57
C TYR A 142 3.81 11.05 5.64
N ASN A 143 3.50 11.97 6.55
CA ASN A 143 2.13 12.51 6.80
C ASN A 143 2.01 13.80 5.99
N ILE A 144 1.39 13.78 4.82
CA ILE A 144 1.37 14.95 3.92
C ILE A 144 0.46 16.00 4.58
N THR A 145 -0.55 15.58 5.32
CA THR A 145 -1.54 16.49 5.99
C THR A 145 -0.79 17.32 7.04
N ASP A 146 0.20 16.75 7.70
CA ASP A 146 0.99 17.43 8.77
C ASP A 146 2.37 17.86 8.22
N HIS A 147 2.40 18.55 7.10
CA HIS A 147 3.62 19.21 6.53
C HIS A 147 4.71 18.16 6.31
N GLY A 148 4.33 16.94 5.97
CA GLY A 148 5.32 15.92 5.54
C GLY A 148 6.02 15.26 6.71
N SER A 149 5.50 15.32 7.93
CA SER A 149 6.18 14.77 9.12
C SER A 149 6.42 13.27 8.97
N LEU A 150 7.52 12.76 9.48
CA LEU A 150 7.80 11.30 9.40
C LEU A 150 6.81 10.52 10.23
N ILE A 151 6.28 9.43 9.66
CA ILE A 151 5.47 8.43 10.34
C ILE A 151 6.34 7.25 10.79
N TYR A 152 7.08 6.67 9.82
CA TYR A 152 7.84 5.42 10.14
C TYR A 152 8.89 5.19 9.06
N THR A 153 10.06 4.67 9.49
CA THR A 153 11.15 4.22 8.58
C THR A 153 11.49 2.77 8.89
N PHE A 154 11.32 1.91 7.88
CA PHE A 154 11.94 0.57 7.87
C PHE A 154 13.35 0.75 7.30
N SER A 155 14.34 0.35 8.09
CA SER A 155 15.73 0.38 7.62
C SER A 155 16.29 -1.03 7.69
N GLU A 156 17.47 -1.21 7.05
CA GLU A 156 18.10 -2.55 6.98
C GLU A 156 17.14 -3.53 6.28
N CYS A 157 16.40 -3.00 5.31
CA CYS A 157 15.42 -3.87 4.58
C CYS A 157 16.16 -4.89 3.72
N VAL A 158 15.67 -6.11 3.71
CA VAL A 158 16.23 -7.16 2.81
C VAL A 158 15.16 -7.43 1.75
N PHE A 159 15.10 -6.63 0.70
CA PHE A 159 14.04 -6.70 -0.33
C PHE A 159 14.04 -8.08 -0.97
N ALA A 160 15.21 -8.56 -1.41
CA ALA A 160 15.39 -9.92 -1.95
C ALA A 160 14.58 -10.14 -3.22
N GLY A 161 14.33 -9.09 -3.97
CA GLY A 161 13.57 -9.18 -5.23
C GLY A 161 13.15 -7.84 -5.74
N PRO A 162 12.52 -7.78 -6.91
CA PRO A 162 11.87 -6.57 -7.38
C PRO A 162 10.75 -6.19 -6.41
N LEU A 163 10.52 -4.89 -6.29
CA LEU A 163 9.42 -4.36 -5.41
C LEU A 163 8.27 -3.85 -6.27
N ARG A 164 7.06 -4.02 -5.74
CA ARG A 164 5.84 -3.41 -6.33
C ARG A 164 5.12 -2.56 -5.28
N PRO A 165 4.50 -1.45 -5.71
CA PRO A 165 3.62 -0.72 -4.78
C PRO A 165 2.48 -1.66 -4.35
N PHE A 166 2.13 -1.58 -3.06
CA PHE A 166 1.13 -2.46 -2.43
C PHE A 166 0.01 -1.61 -1.81
N PHE A 167 -1.24 -2.11 -1.94
CA PHE A 167 -2.47 -1.43 -1.45
C PHE A 167 -3.45 -2.47 -0.88
N ASN A 168 -4.12 -2.09 0.18
CA ASN A 168 -5.29 -2.82 0.70
C ASN A 168 -6.36 -1.77 1.02
N VAL A 169 -7.52 -1.80 0.34
CA VAL A 169 -8.61 -0.83 0.63
C VAL A 169 -9.34 -1.18 1.93
N GLY A 170 -9.11 -2.39 2.46
CA GLY A 170 -9.83 -2.90 3.63
C GLY A 170 -11.25 -3.34 3.34
N PHE A 171 -11.77 -4.16 4.26
CA PHE A 171 -13.17 -4.59 4.22
C PHE A 171 -14.07 -3.43 4.55
N ASN A 172 -15.35 -3.63 4.30
CA ASN A 172 -16.38 -2.60 4.62
C ASN A 172 -17.54 -3.30 5.35
N TYR A 173 -17.24 -4.02 6.41
CA TYR A 173 -18.28 -4.61 7.29
C TYR A 173 -19.08 -3.52 7.98
N SER A 174 -18.51 -2.38 8.30
CA SER A 174 -19.09 -1.29 9.15
C SER A 174 -20.01 -0.40 8.29
N GLY A 175 -19.85 -0.40 6.98
CA GLY A 175 -20.53 0.62 6.16
C GLY A 175 -19.87 1.98 6.22
N GLY A 176 -18.76 2.14 6.94
CA GLY A 176 -18.01 3.38 7.03
C GLY A 176 -16.66 3.37 6.32
N ASN A 177 -16.37 2.33 5.54
CA ASN A 177 -15.05 2.21 4.89
C ASN A 177 -15.17 2.03 3.36
N ALA A 178 -16.19 2.59 2.73
CA ALA A 178 -16.37 2.42 1.27
C ALA A 178 -15.44 3.31 0.45
N ALA A 179 -14.90 4.36 1.05
CA ALA A 179 -14.11 5.35 0.26
C ALA A 179 -12.92 4.69 -0.44
N PRO A 180 -12.52 5.24 -1.60
CA PRO A 180 -11.39 4.70 -2.35
C PRO A 180 -10.01 5.08 -1.78
N LEU A 181 -8.99 4.30 -2.17
CA LEU A 181 -7.61 4.78 -2.20
C LEU A 181 -7.41 5.49 -3.54
N LYS A 182 -6.71 6.62 -3.55
CA LYS A 182 -6.43 7.34 -4.81
C LYS A 182 -4.95 7.68 -4.89
N LEU A 183 -4.33 7.42 -6.01
CA LEU A 183 -2.94 7.90 -6.27
C LEU A 183 -3.02 9.38 -6.61
N CYS A 184 -2.34 10.20 -5.84
CA CYS A 184 -2.42 11.69 -5.97
C CYS A 184 -1.50 12.16 -7.08
N PRO A 185 -1.90 13.23 -7.78
CA PRO A 185 -1.09 13.77 -8.85
C PRO A 185 0.20 14.35 -8.28
N LEU A 186 1.26 14.20 -9.07
CA LEU A 186 2.56 14.92 -9.06
C LEU A 186 2.32 16.42 -9.20
C1 EDO B . -17.23 -6.56 3.64
O1 EDO B . -16.50 -5.71 2.81
C2 EDO B . -17.26 -8.00 3.27
O2 EDO B . -17.63 -8.17 1.92
N1 K0G C . -17.28 6.91 -3.69
C4 K0G C . -13.15 10.91 -0.96
C5 K0G C . -13.38 11.11 -2.31
C6 K0G C . -14.38 10.41 -2.97
C7 K0G C . -18.27 5.91 -3.68
C8 K0G C . -18.49 5.09 -2.57
C10 K0G C . -20.21 4.00 -3.78
N K0G C . -16.17 8.79 -2.97
C K0G C . -16.79 7.62 -2.62
O K0G C . -16.92 7.25 -1.45
C1 K0G C . -15.15 9.49 -2.27
C11 K0G C . -19.08 5.70 -4.80
C2 K0G C . -14.92 9.30 -0.92
C3 K0G C . -13.92 10.01 -0.27
C9 K0G C . -19.46 4.13 -2.63
N2 K0G C . -20.03 4.77 -4.86
C1 EDO D . -9.72 -22.53 4.20
O1 EDO D . -9.33 -21.43 3.39
C2 EDO D . -10.18 -22.12 5.52
O2 EDO D . -11.26 -21.22 5.42
S SO4 E . 2.05 -15.86 8.82
O1 SO4 E . 1.86 -15.43 7.45
O2 SO4 E . 2.01 -17.30 8.88
O3 SO4 E . 3.33 -15.38 9.28
O4 SO4 E . 1.00 -15.33 9.66
#